data_6UBC
#
_entry.id   6UBC
#
_cell.length_a   118.410
_cell.length_b   118.410
_cell.length_c   118.410
_cell.angle_alpha   90.000
_cell.angle_beta   90.000
_cell.angle_gamma   90.000
#
_symmetry.space_group_name_H-M   'I 2 3'
#
loop_
_entity.id
_entity.type
_entity.pdbx_description
1 polymer 'Glyco_hydro_cc domain-containing protein'
2 water water
#
_entity_poly.entity_id   1
_entity_poly.type   'polypeptide(L)'
_entity_poly.pdbx_seq_one_letter_code
;MGSSHHHHHHSSGLVPAGSHMSSLHPNAAAHRRQDITHERVNSAVERRETLAQSQPRALSEKPNKRKITRRGGRSCRARN
STATASDSATASTPSQNSTAALPDSTDSYVASAVSSGAESSSSTQAPVENTSSSSEDVAATTSSIENIAALQQPSSSSSA
EDSSTAANSTSVASAAATSSAAATSSSSSSSNSTGSYTPNGIKAGVSGDDPLSFLQGHIGWYYDWNATPSGSASGASAVN
MLWGAGTVDSTDASRLSAFKALTTAPQYIIGFEEPDCSTPGSSNIAVADAASLWDSTIAPWKDQGSILISPSMCHQAAEE
YTKWLSAFSSQISTSWDITNLHINKNSMDGVKTDIDYYYNTYGKPIWVTEFACVDDSTDFVPCTDQSEINTFINDIVALF
ESDDRVQAYAYSTGEGLSPEWDMISNGALTESGQTYLTAISQYH
;
_entity_poly.pdbx_strand_id   A
#
# COMPACT_ATOMS: atom_id res chain seq x y z
N SER A 185 -13.30 -31.30 0.19
CA SER A 185 -12.39 -30.16 -0.21
C SER A 185 -11.85 -30.43 -1.62
N SER A 186 -11.32 -29.41 -2.28
CA SER A 186 -10.82 -29.61 -3.66
C SER A 186 -9.34 -30.05 -3.63
N SER A 187 -8.81 -30.55 -4.77
CA SER A 187 -7.40 -31.05 -4.93
C SER A 187 -6.42 -29.84 -4.93
N ASN A 192 -0.68 -21.75 -7.11
CA ASN A 192 -1.61 -21.23 -6.07
C ASN A 192 -0.84 -20.66 -4.88
N SER A 193 -1.25 -19.50 -4.45
CA SER A 193 -0.75 -18.88 -3.20
C SER A 193 -1.01 -19.72 -1.93
N THR A 194 -0.01 -19.76 -1.05
CA THR A 194 -0.24 -20.14 0.35
C THR A 194 -1.12 -19.07 1.02
N GLY A 195 -1.01 -17.84 0.49
CA GLY A 195 -1.65 -16.67 1.07
C GLY A 195 -3.04 -16.48 0.51
N SER A 196 -3.89 -15.92 1.32
CA SER A 196 -5.21 -15.38 0.97
C SER A 196 -5.05 -13.89 0.56
N TYR A 197 -6.03 -13.41 -0.18
CA TYR A 197 -6.05 -12.00 -0.68
C TYR A 197 -6.23 -11.08 0.54
N THR A 198 -6.92 -11.52 1.59
CA THR A 198 -6.91 -10.86 2.91
C THR A 198 -5.97 -11.62 3.83
N PRO A 199 -4.73 -11.15 4.07
CA PRO A 199 -3.75 -11.96 4.82
C PRO A 199 -4.28 -12.34 6.22
N ASN A 200 -4.28 -13.64 6.48
CA ASN A 200 -4.63 -14.15 7.83
C ASN A 200 -6.08 -13.77 8.18
N GLY A 201 -6.87 -13.41 7.19
CA GLY A 201 -8.28 -13.00 7.38
C GLY A 201 -8.43 -11.71 8.16
N ILE A 202 -7.42 -10.84 8.11
CA ILE A 202 -7.48 -9.51 8.79
C ILE A 202 -7.12 -8.46 7.72
N LYS A 203 -8.07 -7.64 7.34
CA LYS A 203 -7.79 -6.64 6.27
C LYS A 203 -6.72 -5.68 6.76
N ALA A 204 -6.79 -5.30 8.03
CA ALA A 204 -5.98 -4.15 8.50
C ALA A 204 -4.51 -4.54 8.50
N GLY A 205 -3.66 -3.62 8.03
CA GLY A 205 -2.23 -3.76 8.11
C GLY A 205 -1.57 -2.45 8.50
N VAL A 206 -0.25 -2.40 8.31
CA VAL A 206 0.44 -1.11 8.57
C VAL A 206 1.65 -1.03 7.67
N SER A 207 2.06 0.21 7.38
CA SER A 207 3.30 0.56 6.68
C SER A 207 4.31 1.02 7.72
N GLY A 208 5.54 0.51 7.66
CA GLY A 208 6.62 0.89 8.56
C GLY A 208 6.80 -0.17 9.63
N ASP A 209 7.94 -0.15 10.30
CA ASP A 209 8.29 -1.16 11.35
C ASP A 209 7.99 -0.67 12.75
N ASP A 210 8.12 0.61 13.02
CA ASP A 210 7.92 1.13 14.39
C ASP A 210 6.54 0.79 14.91
N PRO A 211 5.47 0.83 14.07
CA PRO A 211 4.14 0.51 14.59
C PRO A 211 3.89 -0.94 14.99
N LEU A 212 4.71 -1.88 14.54
CA LEU A 212 4.32 -3.31 14.63
C LEU A 212 4.13 -3.74 16.09
N SER A 213 5.06 -3.38 16.96
CA SER A 213 5.04 -3.83 18.37
C SER A 213 3.70 -3.37 18.96
N PHE A 214 3.16 -2.24 18.50
CA PHE A 214 1.91 -1.64 19.05
C PHE A 214 0.67 -2.30 18.48
N LEU A 215 0.69 -2.69 17.21
CA LEU A 215 -0.55 -3.16 16.53
C LEU A 215 -0.65 -4.69 16.53
N GLN A 216 0.40 -5.36 16.94
CA GLN A 216 0.49 -6.83 16.93
C GLN A 216 -0.79 -7.42 17.53
N GLY A 217 -1.27 -8.47 16.88
CA GLY A 217 -2.49 -9.15 17.29
C GLY A 217 -3.72 -8.55 16.62
N HIS A 218 -3.66 -7.40 15.96
CA HIS A 218 -4.88 -6.78 15.36
C HIS A 218 -4.68 -6.49 13.86
N ILE A 219 -3.61 -7.03 13.26
CA ILE A 219 -3.27 -6.74 11.84
C ILE A 219 -3.00 -8.07 11.14
N GLY A 220 -3.31 -8.14 9.84
CA GLY A 220 -3.02 -9.34 9.04
C GLY A 220 -1.64 -9.35 8.40
N TRP A 221 -1.01 -8.18 8.28
CA TRP A 221 0.13 -7.99 7.35
C TRP A 221 0.80 -6.67 7.61
N TYR A 222 2.01 -6.57 7.08
CA TYR A 222 2.83 -5.37 7.23
C TYR A 222 3.92 -5.32 6.18
N TYR A 223 4.38 -4.11 5.94
CA TYR A 223 5.52 -3.86 5.03
C TYR A 223 6.16 -2.54 5.43
N ASP A 224 7.38 -2.32 4.94
CA ASP A 224 8.18 -1.16 5.37
C ASP A 224 8.94 -0.54 4.19
N TRP A 225 8.49 -0.84 2.98
CA TRP A 225 9.01 -0.33 1.69
C TRP A 225 10.33 -1.00 1.33
N ASN A 226 10.90 -1.82 2.21
CA ASN A 226 12.14 -2.58 1.88
C ASN A 226 11.79 -3.87 1.13
N ALA A 227 12.81 -4.52 0.56
CA ALA A 227 12.62 -5.79 -0.15
C ALA A 227 11.94 -6.81 0.78
N THR A 228 12.41 -6.87 2.02
CA THR A 228 11.86 -7.70 3.11
C THR A 228 11.68 -6.79 4.30
N PRO A 229 10.56 -6.82 5.05
CA PRO A 229 10.48 -5.97 6.23
C PRO A 229 11.56 -6.34 7.24
N SER A 230 12.15 -5.33 7.89
CA SER A 230 13.19 -5.53 8.91
C SER A 230 12.52 -5.94 10.22
N GLY A 231 11.28 -5.49 10.42
CA GLY A 231 10.48 -5.77 11.62
C GLY A 231 9.76 -7.09 11.44
N SER A 232 9.15 -7.56 12.51
CA SER A 232 8.47 -8.87 12.46
C SER A 232 7.36 -8.78 13.49
N ALA A 233 6.31 -9.51 13.23
CA ALA A 233 5.21 -9.68 14.20
C ALA A 233 4.67 -11.09 14.02
N SER A 234 4.59 -11.86 15.09
CA SER A 234 3.76 -13.10 15.08
C SER A 234 2.28 -12.77 14.78
N GLY A 235 1.57 -13.55 13.93
CA GLY A 235 0.11 -13.47 13.68
C GLY A 235 -0.21 -12.74 12.39
N ALA A 236 0.81 -12.10 11.84
CA ALA A 236 0.67 -11.26 10.62
C ALA A 236 1.70 -11.71 9.58
N SER A 237 1.43 -11.45 8.31
CA SER A 237 2.36 -11.83 7.20
C SER A 237 3.23 -10.63 6.79
N ALA A 238 4.56 -10.81 6.75
CA ALA A 238 5.49 -9.89 6.09
C ALA A 238 5.16 -9.81 4.61
N VAL A 239 5.08 -8.60 4.07
CA VAL A 239 4.84 -8.42 2.62
C VAL A 239 6.11 -7.83 2.04
N ASN A 240 6.60 -8.42 0.95
CA ASN A 240 7.83 -7.96 0.28
C ASN A 240 7.46 -6.84 -0.70
N MET A 241 8.45 -6.07 -1.09
CA MET A 241 8.20 -4.93 -1.99
C MET A 241 9.41 -4.60 -2.84
N LEU A 242 9.15 -4.23 -4.09
CA LEU A 242 10.17 -3.56 -4.95
C LEU A 242 9.77 -2.10 -5.12
N TRP A 243 10.48 -1.21 -4.42
CA TRP A 243 10.09 0.22 -4.35
C TRP A 243 10.25 0.90 -5.72
N GLY A 244 11.35 0.60 -6.39
CA GLY A 244 11.69 1.30 -7.62
C GLY A 244 12.74 0.59 -8.46
N ALA A 245 13.27 1.39 -9.38
CA ALA A 245 14.11 0.95 -10.51
C ALA A 245 15.58 1.03 -10.05
N GLY A 246 15.80 1.62 -8.88
CA GLY A 246 17.14 1.58 -8.24
C GLY A 246 18.04 2.77 -8.60
N THR A 247 17.52 3.97 -8.89
CA THR A 247 18.39 5.15 -9.23
C THR A 247 17.98 6.48 -8.63
N VAL A 248 16.93 6.57 -7.83
CA VAL A 248 16.43 7.84 -7.23
C VAL A 248 17.36 8.37 -6.15
N ASP A 249 18.10 7.46 -5.50
CA ASP A 249 19.02 7.72 -4.36
C ASP A 249 19.56 6.34 -3.97
N SER A 250 20.48 6.28 -3.01
CA SER A 250 21.18 5.03 -2.60
C SER A 250 20.20 4.04 -1.88
N THR A 251 19.12 4.55 -1.27
CA THR A 251 18.11 3.65 -0.65
C THR A 251 17.37 2.87 -1.78
N ASP A 252 17.06 3.53 -2.88
CA ASP A 252 16.39 2.88 -4.07
C ASP A 252 17.34 1.81 -4.60
N ALA A 253 18.62 2.12 -4.73
CA ALA A 253 19.64 1.14 -5.19
C ALA A 253 19.71 -0.07 -4.24
N SER A 254 19.79 0.16 -2.95
CA SER A 254 19.89 -0.91 -1.92
C SER A 254 18.65 -1.82 -1.98
N ARG A 255 17.44 -1.23 -2.14
CA ARG A 255 16.18 -2.03 -2.16
C ARG A 255 16.13 -2.92 -3.39
N LEU A 256 16.50 -2.41 -4.56
CA LEU A 256 16.46 -3.23 -5.81
C LEU A 256 17.46 -4.39 -5.64
N SER A 257 18.62 -4.08 -5.10
CA SER A 257 19.67 -5.09 -4.96
C SER A 257 19.22 -6.16 -3.97
N ALA A 258 18.53 -5.80 -2.88
CA ALA A 258 18.03 -6.78 -1.89
C ALA A 258 16.94 -7.65 -2.58
N PHE A 259 16.09 -7.01 -3.37
CA PHE A 259 14.97 -7.71 -4.02
C PHE A 259 15.53 -8.79 -4.96
N LYS A 260 16.50 -8.40 -5.76
CA LYS A 260 17.15 -9.36 -6.70
C LYS A 260 17.82 -10.50 -5.92
N ALA A 261 18.25 -10.35 -4.64
CA ALA A 261 18.90 -11.44 -3.87
C ALA A 261 17.89 -12.33 -3.16
N LEU A 262 16.59 -12.12 -3.30
CA LEU A 262 15.63 -13.02 -2.65
C LEU A 262 15.90 -14.43 -3.22
N THR A 263 15.85 -15.43 -2.34
CA THR A 263 16.02 -16.86 -2.69
C THR A 263 14.82 -17.61 -2.15
N THR A 264 13.94 -16.94 -1.44
CA THR A 264 12.76 -17.58 -0.86
C THR A 264 11.50 -16.84 -1.34
N ALA A 265 10.52 -17.56 -1.84
CA ALA A 265 9.39 -16.96 -2.56
C ALA A 265 8.55 -16.14 -1.58
N PRO A 266 8.36 -14.82 -1.83
CA PRO A 266 7.40 -14.06 -1.04
C PRO A 266 5.98 -14.67 -1.08
N GLN A 267 5.21 -14.51 -0.01
CA GLN A 267 3.72 -14.68 -0.09
C GLN A 267 3.09 -13.54 -0.89
N TYR A 268 3.56 -12.30 -0.73
CA TYR A 268 3.01 -11.08 -1.36
C TYR A 268 4.14 -10.16 -1.82
N ILE A 269 3.96 -9.54 -3.01
CA ILE A 269 4.92 -8.54 -3.51
C ILE A 269 4.16 -7.28 -3.87
N ILE A 270 4.44 -6.19 -3.18
CA ILE A 270 3.95 -4.85 -3.61
C ILE A 270 4.90 -4.26 -4.66
N GLY A 271 4.35 -3.74 -5.75
CA GLY A 271 5.05 -3.06 -6.83
C GLY A 271 5.43 -1.62 -6.48
N PHE A 272 5.90 -0.92 -7.49
CA PHE A 272 6.65 0.33 -7.30
C PHE A 272 5.81 1.37 -6.57
N GLU A 273 6.51 2.10 -5.72
CA GLU A 273 5.93 3.22 -4.99
C GLU A 273 5.74 4.44 -5.90
N GLU A 274 4.51 4.78 -6.28
CA GLU A 274 4.24 6.06 -6.97
C GLU A 274 5.25 6.32 -8.09
N PRO A 275 5.40 5.39 -9.07
CA PRO A 275 6.26 5.66 -10.20
C PRO A 275 5.79 6.86 -11.04
N ASP A 276 4.51 7.23 -10.90
CA ASP A 276 3.88 8.33 -11.66
C ASP A 276 4.24 9.69 -11.05
N CYS A 277 4.95 9.73 -9.94
CA CYS A 277 5.38 11.00 -9.28
C CYS A 277 6.89 11.09 -9.26
N SER A 278 7.40 12.33 -9.23
CA SER A 278 8.86 12.62 -9.21
C SER A 278 9.30 13.29 -7.89
N THR A 279 8.38 13.49 -6.95
CA THR A 279 8.66 14.23 -5.70
C THR A 279 9.16 13.25 -4.66
N PRO A 280 9.73 13.75 -3.56
CA PRO A 280 10.29 12.88 -2.54
C PRO A 280 9.43 11.69 -2.08
N GLY A 281 10.06 10.53 -1.96
CA GLY A 281 9.48 9.23 -1.57
C GLY A 281 8.61 8.59 -2.66
N SER A 282 8.65 9.14 -3.87
CA SER A 282 8.08 8.53 -5.12
C SER A 282 9.21 8.00 -6.03
N SER A 283 8.97 6.89 -6.73
CA SER A 283 9.99 6.12 -7.47
C SER A 283 10.28 6.72 -8.86
N ASN A 284 9.40 7.53 -9.42
CA ASN A 284 9.69 8.29 -10.67
C ASN A 284 10.24 7.39 -11.79
N ILE A 285 9.39 6.48 -12.30
CA ILE A 285 9.78 5.52 -13.36
C ILE A 285 8.90 5.76 -14.61
N ALA A 286 9.51 5.90 -15.79
CA ALA A 286 8.77 5.92 -17.06
C ALA A 286 8.02 4.58 -17.21
N VAL A 287 6.83 4.64 -17.79
CA VAL A 287 6.00 3.44 -18.03
C VAL A 287 6.82 2.32 -18.64
N ALA A 288 7.51 2.56 -19.75
CA ALA A 288 8.14 1.46 -20.48
C ALA A 288 9.21 0.81 -19.62
N ASP A 289 10.01 1.60 -18.90
CA ASP A 289 11.05 1.06 -17.98
C ASP A 289 10.37 0.25 -16.88
N ALA A 290 9.23 0.74 -16.39
CA ALA A 290 8.61 0.04 -15.24
C ALA A 290 8.05 -1.32 -15.69
N ALA A 291 7.46 -1.31 -16.88
CA ALA A 291 6.83 -2.54 -17.44
C ALA A 291 7.90 -3.63 -17.55
N SER A 292 9.04 -3.30 -18.18
CA SER A 292 10.16 -4.24 -18.37
C SER A 292 10.65 -4.74 -17.01
N LEU A 293 10.78 -3.90 -15.97
CA LEU A 293 11.30 -4.31 -14.64
C LEU A 293 10.28 -5.24 -13.96
N TRP A 294 9.00 -4.86 -14.03
CA TRP A 294 7.89 -5.67 -13.50
C TRP A 294 8.00 -7.09 -14.10
N ASP A 295 8.11 -7.17 -15.41
CA ASP A 295 8.08 -8.46 -16.13
C ASP A 295 9.33 -9.26 -15.80
N SER A 296 10.50 -8.63 -15.69
CA SER A 296 11.77 -9.36 -15.53
C SER A 296 12.02 -9.75 -14.08
N THR A 297 11.56 -8.97 -13.10
CA THR A 297 12.05 -9.02 -11.70
C THR A 297 10.95 -9.35 -10.70
N ILE A 298 9.71 -8.85 -10.90
CA ILE A 298 8.55 -9.15 -10.03
C ILE A 298 7.79 -10.38 -10.55
N ALA A 299 7.35 -10.34 -11.80
CA ALA A 299 6.50 -11.41 -12.42
C ALA A 299 7.03 -12.83 -12.22
N PRO A 300 8.35 -13.12 -12.33
CA PRO A 300 8.80 -14.50 -12.18
C PRO A 300 8.33 -15.18 -10.88
N TRP A 301 8.11 -14.42 -9.79
CA TRP A 301 7.72 -15.01 -8.49
C TRP A 301 6.30 -15.55 -8.56
N LYS A 302 5.47 -15.08 -9.47
CA LYS A 302 4.08 -15.56 -9.56
C LYS A 302 4.10 -17.12 -9.72
N ASP A 303 5.09 -17.63 -10.46
CA ASP A 303 5.30 -19.08 -10.73
C ASP A 303 5.57 -19.83 -9.43
N GLN A 304 6.06 -19.16 -8.43
CA GLN A 304 6.39 -19.77 -7.14
C GLN A 304 5.25 -19.50 -6.16
N GLY A 305 4.11 -18.96 -6.59
CA GLY A 305 3.02 -18.78 -5.63
C GLY A 305 2.87 -17.35 -5.12
N SER A 306 3.74 -16.42 -5.50
CA SER A 306 3.68 -15.03 -4.94
C SER A 306 2.43 -14.36 -5.48
N ILE A 307 1.68 -13.68 -4.61
CA ILE A 307 0.57 -12.78 -5.02
C ILE A 307 1.17 -11.43 -5.46
N LEU A 308 0.82 -10.94 -6.66
CA LEU A 308 1.39 -9.71 -7.23
C LEU A 308 0.44 -8.54 -7.03
N ILE A 309 0.94 -7.52 -6.34
CA ILE A 309 0.19 -6.27 -6.10
C ILE A 309 0.80 -5.19 -7.00
N SER A 310 -0.05 -4.43 -7.68
CA SER A 310 0.37 -3.50 -8.76
C SER A 310 1.20 -2.37 -8.15
N PRO A 311 1.90 -1.57 -9.01
CA PRO A 311 2.40 -0.28 -8.54
C PRO A 311 1.25 0.61 -8.04
N SER A 312 1.60 1.55 -7.16
CA SER A 312 0.66 2.53 -6.61
C SER A 312 0.72 3.83 -7.42
N MET A 313 -0.44 4.40 -7.76
CA MET A 313 -0.50 5.72 -8.43
C MET A 313 -0.62 6.86 -7.39
N CYS A 314 0.29 7.80 -7.46
CA CYS A 314 0.16 9.03 -6.61
C CYS A 314 -1.04 9.84 -7.10
N HIS A 315 -1.42 9.73 -8.38
CA HIS A 315 -2.48 10.60 -8.99
C HIS A 315 -3.88 10.09 -8.60
N GLN A 316 -3.99 8.97 -7.88
CA GLN A 316 -5.29 8.47 -7.36
C GLN A 316 -6.23 8.33 -8.57
N ALA A 317 -7.45 8.84 -8.48
CA ALA A 317 -8.43 8.57 -9.55
C ALA A 317 -8.12 9.46 -10.76
N ALA A 318 -7.27 10.46 -10.61
CA ALA A 318 -6.84 11.27 -11.77
C ALA A 318 -5.91 10.49 -12.72
N GLU A 319 -5.55 9.27 -12.34
CA GLU A 319 -4.91 8.30 -13.26
C GLU A 319 -5.77 8.15 -14.53
N GLU A 320 -7.07 8.42 -14.46
CA GLU A 320 -7.94 8.49 -15.66
C GLU A 320 -7.32 9.38 -16.75
N TYR A 321 -6.69 10.48 -16.33
CA TYR A 321 -6.12 11.49 -17.23
C TYR A 321 -4.61 11.27 -17.39
N THR A 322 -3.86 10.91 -16.36
CA THR A 322 -2.37 10.77 -16.51
C THR A 322 -2.03 9.49 -17.27
N LYS A 323 -2.84 8.43 -17.13
CA LYS A 323 -2.71 7.17 -17.92
C LYS A 323 -1.33 6.51 -17.73
N TRP A 324 -0.79 6.51 -16.52
CA TRP A 324 0.44 5.75 -16.23
C TRP A 324 0.09 4.25 -16.10
N LEU A 325 -0.80 3.94 -15.15
CA LEU A 325 -1.14 2.54 -14.89
C LEU A 325 -1.77 1.93 -16.13
N SER A 326 -2.61 2.67 -16.82
CA SER A 326 -3.33 2.10 -17.99
C SER A 326 -2.31 1.74 -19.06
N ALA A 327 -1.35 2.60 -19.31
CA ALA A 327 -0.30 2.26 -20.31
C ALA A 327 0.56 1.11 -19.79
N PHE A 328 0.92 1.11 -18.52
CA PHE A 328 1.72 0.04 -17.89
C PHE A 328 0.99 -1.30 -18.07
N SER A 329 -0.30 -1.31 -17.85
CA SER A 329 -1.14 -2.52 -17.94
C SER A 329 -1.12 -3.08 -19.36
N SER A 330 -1.13 -2.19 -20.33
CA SER A 330 -1.05 -2.51 -21.77
C SER A 330 0.28 -3.16 -22.11
N GLN A 331 1.37 -2.68 -21.51
CA GLN A 331 2.77 -3.08 -21.85
C GLN A 331 3.28 -4.32 -21.10
N ILE A 332 2.80 -4.62 -19.91
CA ILE A 332 3.27 -5.80 -19.14
C ILE A 332 2.72 -7.09 -19.76
N SER A 333 3.51 -8.17 -19.63
CA SER A 333 3.12 -9.50 -20.13
C SER A 333 2.44 -10.30 -19.04
N THR A 334 2.82 -10.10 -17.79
CA THR A 334 2.20 -10.80 -16.62
C THR A 334 1.43 -9.77 -15.81
N SER A 335 0.11 -9.90 -15.69
CA SER A 335 -0.69 -8.83 -15.02
C SER A 335 -0.54 -9.00 -13.50
N TRP A 336 -1.08 -8.04 -12.78
CA TRP A 336 -1.11 -8.13 -11.32
C TRP A 336 -2.36 -8.92 -10.89
N ASP A 337 -2.33 -9.37 -9.63
CA ASP A 337 -3.51 -10.04 -9.01
C ASP A 337 -4.39 -9.01 -8.30
N ILE A 338 -3.74 -8.02 -7.68
CA ILE A 338 -4.35 -7.04 -6.73
C ILE A 338 -3.97 -5.62 -7.15
N THR A 339 -4.97 -4.77 -7.32
CA THR A 339 -4.80 -3.36 -7.74
C THR A 339 -4.45 -2.60 -6.45
N ASN A 340 -3.36 -1.84 -6.52
CA ASN A 340 -2.75 -1.13 -5.38
C ASN A 340 -3.22 0.31 -5.41
N LEU A 341 -3.85 0.79 -4.34
CA LEU A 341 -4.26 2.20 -4.23
C LEU A 341 -3.47 2.89 -3.11
N HIS A 342 -3.25 4.17 -3.32
CA HIS A 342 -2.88 5.18 -2.29
C HIS A 342 -4.07 6.12 -2.24
N ILE A 343 -4.67 6.25 -1.05
CA ILE A 343 -5.84 7.12 -0.90
C ILE A 343 -5.46 8.28 0.00
N ASN A 344 -5.45 9.47 -0.57
CA ASN A 344 -5.11 10.73 0.17
C ASN A 344 -6.31 11.64 -0.06
N LYS A 345 -7.26 11.56 0.86
CA LYS A 345 -8.56 12.22 0.73
C LYS A 345 -8.98 12.74 2.10
N ASN A 346 -9.99 13.62 2.17
CA ASN A 346 -10.44 14.10 3.47
C ASN A 346 -11.93 13.85 3.66
N SER A 347 -12.52 12.98 2.88
CA SER A 347 -13.97 12.64 2.94
C SER A 347 -14.18 11.25 2.35
N MET A 348 -15.17 10.55 2.87
CA MET A 348 -15.50 9.21 2.35
C MET A 348 -15.92 9.28 0.88
N ASP A 349 -16.52 10.38 0.41
CA ASP A 349 -16.84 10.56 -1.04
C ASP A 349 -15.59 10.40 -1.91
N GLY A 350 -14.48 10.98 -1.47
CA GLY A 350 -13.18 10.90 -2.20
C GLY A 350 -12.61 9.49 -2.16
N VAL A 351 -12.70 8.85 -0.99
CA VAL A 351 -12.26 7.46 -0.82
C VAL A 351 -13.03 6.62 -1.84
N LYS A 352 -14.35 6.79 -1.91
CA LYS A 352 -15.18 6.00 -2.82
C LYS A 352 -14.81 6.32 -4.26
N THR A 353 -14.57 7.56 -4.61
CA THR A 353 -14.12 7.90 -5.96
C THR A 353 -12.91 7.03 -6.34
N ASP A 354 -11.92 6.93 -5.46
CA ASP A 354 -10.69 6.16 -5.79
C ASP A 354 -11.04 4.67 -6.00
N ILE A 355 -11.80 4.09 -5.05
CA ILE A 355 -12.09 2.64 -5.11
C ILE A 355 -12.93 2.36 -6.35
N ASP A 356 -13.92 3.21 -6.59
CA ASP A 356 -14.76 3.07 -7.81
C ASP A 356 -13.90 3.10 -9.06
N TYR A 357 -13.01 4.09 -9.21
CA TYR A 357 -12.23 4.24 -10.44
C TYR A 357 -11.45 2.93 -10.69
N TYR A 358 -10.73 2.45 -9.68
CA TYR A 358 -9.81 1.32 -9.84
C TYR A 358 -10.57 0.01 -10.01
N TYR A 359 -11.69 -0.16 -9.31
CA TYR A 359 -12.53 -1.37 -9.45
C TYR A 359 -13.24 -1.37 -10.82
N ASN A 360 -13.82 -0.25 -11.22
CA ASN A 360 -14.52 -0.17 -12.53
C ASN A 360 -13.53 -0.40 -13.66
N THR A 361 -12.30 0.08 -13.56
CA THR A 361 -11.31 -0.03 -14.65
C THR A 361 -10.74 -1.44 -14.75
N TYR A 362 -10.37 -2.11 -13.66
CA TYR A 362 -9.60 -3.39 -13.71
C TYR A 362 -10.39 -4.61 -13.23
N GLY A 363 -11.43 -4.42 -12.43
CA GLY A 363 -12.27 -5.50 -11.90
C GLY A 363 -11.54 -6.45 -11.02
N LYS A 364 -10.38 -6.07 -10.44
CA LYS A 364 -9.59 -6.91 -9.51
C LYS A 364 -9.69 -6.39 -8.06
N PRO A 365 -9.49 -7.30 -7.12
CA PRO A 365 -9.48 -6.96 -5.72
C PRO A 365 -8.43 -5.87 -5.46
N ILE A 366 -8.66 -5.09 -4.43
CA ILE A 366 -7.85 -3.88 -4.11
C ILE A 366 -7.13 -4.05 -2.79
N TRP A 367 -5.90 -3.55 -2.74
CA TRP A 367 -5.18 -3.30 -1.49
C TRP A 367 -4.94 -1.81 -1.43
N VAL A 368 -5.35 -1.19 -0.34
CA VAL A 368 -4.99 0.23 -0.07
C VAL A 368 -3.69 0.17 0.72
N THR A 369 -2.56 0.36 0.07
CA THR A 369 -1.26 0.12 0.75
C THR A 369 -0.86 1.37 1.56
N GLU A 370 -1.45 2.54 1.29
CA GLU A 370 -1.20 3.77 2.08
C GLU A 370 -2.50 4.54 2.07
N PHE A 371 -3.04 4.91 3.22
CA PHE A 371 -4.05 5.98 3.25
C PHE A 371 -3.68 7.03 4.27
N ALA A 372 -4.13 8.24 3.98
CA ALA A 372 -3.91 9.42 4.84
C ALA A 372 -5.01 10.43 4.65
N CYS A 373 -5.28 11.21 5.70
CA CYS A 373 -6.23 12.36 5.65
C CYS A 373 -5.49 13.51 4.95
N VAL A 374 -5.90 13.84 3.75
CA VAL A 374 -5.32 14.94 2.93
C VAL A 374 -6.48 15.60 2.19
N ASP A 375 -6.53 16.92 2.20
CA ASP A 375 -7.46 17.68 1.32
C ASP A 375 -6.79 17.86 -0.03
N ASP A 376 -7.23 17.09 -1.01
CA ASP A 376 -6.62 17.17 -2.36
C ASP A 376 -7.55 17.90 -3.31
N SER A 377 -8.56 18.62 -2.81
CA SER A 377 -9.61 19.28 -3.66
C SER A 377 -8.95 20.34 -4.56
N THR A 378 -7.92 21.00 -4.04
CA THR A 378 -7.17 22.08 -4.75
C THR A 378 -5.72 21.63 -5.03
N ASP A 379 -4.89 21.44 -3.99
CA ASP A 379 -3.49 20.99 -4.21
C ASP A 379 -3.32 19.71 -3.35
N PHE A 380 -2.43 19.74 -2.36
CA PHE A 380 -2.22 18.57 -1.47
C PHE A 380 -1.96 19.13 -0.09
N VAL A 381 -3.02 19.26 0.68
CA VAL A 381 -2.94 19.83 2.04
C VAL A 381 -3.29 18.78 3.10
N PRO A 382 -2.28 18.13 3.70
CA PRO A 382 -2.54 17.13 4.73
C PRO A 382 -3.38 17.74 5.85
N CYS A 383 -4.30 16.93 6.34
CA CYS A 383 -5.19 17.33 7.47
C CYS A 383 -4.33 17.53 8.72
N THR A 384 -4.61 18.56 9.50
CA THR A 384 -3.84 18.94 10.73
C THR A 384 -4.75 18.93 11.97
N ASP A 385 -6.06 18.91 11.79
CA ASP A 385 -7.05 18.99 12.88
C ASP A 385 -7.23 17.58 13.45
N GLN A 386 -6.85 17.37 14.69
CA GLN A 386 -6.87 16.02 15.29
C GLN A 386 -8.29 15.44 15.27
N SER A 387 -9.29 16.27 15.59
CA SER A 387 -10.71 15.83 15.66
C SER A 387 -11.16 15.34 14.27
N GLU A 388 -10.84 16.10 13.24
CA GLU A 388 -11.19 15.67 11.86
C GLU A 388 -10.41 14.41 11.52
N ILE A 389 -9.12 14.32 11.91
CA ILE A 389 -8.30 13.10 11.66
C ILE A 389 -8.95 11.88 12.29
N ASN A 390 -9.34 11.98 13.55
CA ASN A 390 -9.96 10.84 14.27
C ASN A 390 -11.22 10.38 13.51
N THR A 391 -12.07 11.32 13.10
CA THR A 391 -13.32 11.00 12.38
C THR A 391 -13.01 10.27 11.07
N PHE A 392 -12.01 10.78 10.37
CA PHE A 392 -11.53 10.18 9.11
C PHE A 392 -11.07 8.75 9.35
N ILE A 393 -10.22 8.53 10.34
CA ILE A 393 -9.65 7.17 10.57
C ILE A 393 -10.84 6.24 10.89
N ASN A 394 -11.75 6.68 11.76
CA ASN A 394 -12.88 5.81 12.21
C ASN A 394 -13.77 5.48 11.01
N ASP A 395 -14.05 6.51 10.19
CA ASP A 395 -14.91 6.41 9.00
C ASP A 395 -14.27 5.47 7.97
N ILE A 396 -12.98 5.66 7.66
CA ILE A 396 -12.36 4.93 6.54
C ILE A 396 -12.20 3.46 6.93
N VAL A 397 -11.89 3.19 8.20
CA VAL A 397 -11.73 1.78 8.66
C VAL A 397 -13.08 1.05 8.53
N ALA A 398 -14.18 1.69 8.94
CA ALA A 398 -15.56 1.14 8.74
C ALA A 398 -15.90 0.93 7.27
N LEU A 399 -15.60 1.89 6.41
CA LEU A 399 -15.80 1.78 4.96
C LEU A 399 -15.01 0.58 4.44
N PHE A 400 -13.71 0.51 4.70
CA PHE A 400 -12.88 -0.56 4.12
C PHE A 400 -13.40 -1.93 4.59
N GLU A 401 -13.68 -2.07 5.88
CA GLU A 401 -14.13 -3.39 6.40
C GLU A 401 -15.43 -3.79 5.66
N SER A 402 -16.30 -2.85 5.36
CA SER A 402 -17.63 -3.20 4.80
C SER A 402 -17.55 -3.37 3.28
N ASP A 403 -16.44 -2.95 2.67
CA ASP A 403 -16.35 -2.90 1.20
C ASP A 403 -15.69 -4.19 0.72
N ASP A 404 -16.47 -5.04 0.07
CA ASP A 404 -15.94 -6.32 -0.42
C ASP A 404 -14.91 -6.12 -1.53
N ARG A 405 -14.82 -4.96 -2.17
CA ARG A 405 -13.75 -4.75 -3.18
C ARG A 405 -12.38 -4.58 -2.50
N VAL A 406 -12.34 -4.15 -1.23
CA VAL A 406 -11.04 -3.85 -0.55
C VAL A 406 -10.66 -5.09 0.26
N GLN A 407 -9.59 -5.75 -0.11
CA GLN A 407 -9.18 -6.99 0.62
C GLN A 407 -8.11 -6.70 1.69
N ALA A 408 -7.52 -5.51 1.69
CA ALA A 408 -6.53 -5.13 2.72
C ALA A 408 -6.35 -3.61 2.68
N TYR A 409 -5.93 -3.02 3.81
CA TYR A 409 -5.59 -1.58 3.88
C TYR A 409 -4.54 -1.39 4.97
N ALA A 410 -3.78 -0.31 4.78
CA ALA A 410 -2.71 0.09 5.71
C ALA A 410 -2.67 1.60 5.88
N TYR A 411 -2.63 1.99 7.15
CA TYR A 411 -2.32 3.36 7.58
C TYR A 411 -0.96 3.81 7.03
N SER A 412 -0.92 5.00 6.39
CA SER A 412 0.35 5.50 5.82
C SER A 412 1.20 6.05 6.94
N THR A 413 2.50 5.67 7.04
CA THR A 413 3.47 6.38 7.91
C THR A 413 4.54 7.04 7.03
N GLY A 414 4.20 7.34 5.82
CA GLY A 414 5.09 7.92 4.83
C GLY A 414 5.43 9.37 5.15
N GLU A 415 6.20 9.95 4.25
CA GLU A 415 6.70 11.34 4.37
C GLU A 415 5.65 12.28 3.83
N GLY A 416 5.75 13.54 4.20
CA GLY A 416 4.91 14.61 3.61
C GLY A 416 3.54 14.71 4.23
N LEU A 417 3.31 14.11 5.40
CA LEU A 417 1.98 14.29 6.02
C LEU A 417 2.15 15.07 7.30
N SER A 418 1.05 15.38 7.97
CA SER A 418 1.07 16.32 9.11
C SER A 418 1.66 15.65 10.33
N PRO A 419 2.21 16.41 11.29
CA PRO A 419 2.65 15.83 12.53
C PRO A 419 1.52 15.11 13.32
N GLU A 420 0.30 15.62 13.16
CA GLU A 420 -0.91 15.04 13.81
C GLU A 420 -1.22 13.65 13.20
N TRP A 421 -0.85 13.43 11.95
CA TRP A 421 -1.04 12.11 11.30
C TRP A 421 0.01 11.10 11.81
N ASP A 422 1.17 11.53 12.32
CA ASP A 422 2.20 10.57 12.79
C ASP A 422 1.54 9.52 13.70
N MET A 423 1.79 8.23 13.43
CA MET A 423 1.29 7.14 14.29
C MET A 423 2.20 7.00 15.52
N ILE A 424 3.51 7.22 15.34
CA ILE A 424 4.56 7.06 16.39
C ILE A 424 5.28 8.40 16.57
N SER A 425 5.52 8.80 17.81
CA SER A 425 6.24 10.05 18.12
C SER A 425 7.08 9.83 19.39
N ASN A 426 8.39 9.96 19.27
CA ASN A 426 9.34 9.67 20.38
C ASN A 426 9.02 8.29 21.00
N GLY A 427 8.84 7.27 20.16
CA GLY A 427 8.67 5.88 20.60
C GLY A 427 7.31 5.64 21.22
N ALA A 428 6.40 6.61 21.19
CA ALA A 428 5.03 6.46 21.80
C ALA A 428 3.97 6.39 20.70
N LEU A 429 2.90 5.66 20.96
CA LEU A 429 1.69 5.61 20.11
C LEU A 429 0.85 6.85 20.34
N THR A 430 0.72 7.65 19.28
CA THR A 430 0.09 8.95 19.30
C THR A 430 -1.42 8.79 19.39
N GLU A 431 -2.14 9.88 19.57
CA GLU A 431 -3.61 9.83 19.53
C GLU A 431 -4.05 9.22 18.17
N SER A 432 -3.50 9.69 17.06
CA SER A 432 -3.90 9.15 15.75
C SER A 432 -3.61 7.66 15.69
N GLY A 433 -2.43 7.22 16.12
CA GLY A 433 -2.06 5.79 16.19
C GLY A 433 -3.09 4.99 16.99
N GLN A 434 -3.48 5.53 18.15
CA GLN A 434 -4.49 4.89 19.04
C GLN A 434 -5.86 4.85 18.37
N THR A 435 -6.24 5.88 17.62
CA THR A 435 -7.56 5.88 16.95
C THR A 435 -7.53 4.73 15.92
N TYR A 436 -6.45 4.59 15.18
CA TYR A 436 -6.40 3.49 14.19
C TYR A 436 -6.50 2.15 14.95
N LEU A 437 -5.69 2.00 16.00
CA LEU A 437 -5.64 0.72 16.75
C LEU A 437 -7.05 0.39 17.25
N THR A 438 -7.73 1.33 17.86
CA THR A 438 -9.08 1.12 18.41
C THR A 438 -10.05 0.74 17.31
N ALA A 439 -10.01 1.44 16.19
CA ALA A 439 -10.91 1.16 15.05
C ALA A 439 -10.65 -0.26 14.51
N ILE A 440 -9.41 -0.68 14.29
CA ILE A 440 -9.21 -1.99 13.64
C ILE A 440 -9.51 -3.07 14.69
N SER A 441 -9.41 -2.75 15.98
CA SER A 441 -9.60 -3.74 17.07
C SER A 441 -11.09 -4.11 17.20
N GLN A 442 -11.99 -3.31 16.66
CA GLN A 442 -13.42 -3.67 16.65
C GLN A 442 -13.66 -4.89 15.75
N TYR A 443 -12.75 -5.16 14.82
CA TYR A 443 -12.90 -6.24 13.79
C TYR A 443 -12.09 -7.48 14.15
N HIS A 444 -10.87 -7.30 14.61
CA HIS A 444 -9.98 -8.42 15.00
C HIS A 444 -9.07 -7.99 16.16
#